data_5Z95
#
_entry.id   5Z95
#
_cell.length_a   92.590
_cell.length_b   92.590
_cell.length_c   80.260
_cell.angle_alpha   90.00
_cell.angle_beta   90.00
_cell.angle_gamma   120.00
#
_symmetry.space_group_name_H-M   'P 65'
#
loop_
_entity.id
_entity.type
_entity.pdbx_description
1 polymer 'Hyposensitive to light 7'
2 non-polymer '2-(2-{2-[2-(2-{2-[2-(2-{2-[4-(1,1,3,3-TETRAMETHYL-BUTYL)-PHENOXY]-ETHOXY}-ETHOXY)-ETHOXY]-ETHOXY}-ETHOXY)-ETHOXY]-ETHOX Y}-ETHOXY)-ETHANOL'
3 non-polymer 'SULFATE ION'
4 non-polymer GLYCEROL
5 water water
#
_entity_poly.entity_id   1
_entity_poly.type   'polypeptide(L)'
_entity_poly.pdbx_seq_one_letter_code
;GPLGSMSSIGLAHNVTILGSGETTVVLGHGYGTDQSVWKLLVPYLVDDYKVLLYDHMGAGTTNPDYFDFDRYSSLEGYSY
DLIAILEEFQVSKCIYVGHSMSSMAAAVASIFRPDLFHKLVMISPTPRLINTEEYYGGFEQKVMDETLRSLDENFKSLSL
GTAPLLLACDLESAAMQEYCRTLFNMRPDIACCITRMICGLDLRPYLGHVTVPCHIIQSSNDIMVPVAVGEYLRKNLGGP
SVVEVMPTEGHLPHLSMPEVTIPVVLRHIRQDITDH
;
_entity_poly.pdbx_strand_id   A
#
# COMPACT_ATOMS: atom_id res chain seq x y z
N SER A 8 7.76 -22.17 -5.77
CA SER A 8 8.26 -21.34 -4.66
C SER A 8 7.34 -20.16 -4.42
N ILE A 9 7.41 -19.62 -3.22
N ILE A 9 7.37 -19.65 -3.20
CA ILE A 9 6.55 -18.49 -2.87
CA ILE A 9 6.54 -18.52 -2.85
C ILE A 9 6.92 -17.28 -3.73
C ILE A 9 6.91 -17.28 -3.68
N GLY A 10 8.18 -17.12 -4.00
CA GLY A 10 8.59 -15.97 -4.78
C GLY A 10 8.07 -16.05 -6.21
N LEU A 11 8.13 -17.23 -6.84
CA LEU A 11 7.55 -17.51 -8.15
C LEU A 11 6.01 -17.20 -8.20
N ALA A 12 5.32 -17.63 -7.15
CA ALA A 12 3.89 -17.41 -7.01
C ALA A 12 3.53 -15.93 -6.86
N HIS A 13 4.47 -15.13 -6.34
CA HIS A 13 4.31 -13.69 -6.21
C HIS A 13 4.99 -12.91 -7.31
N ASN A 14 5.40 -13.59 -8.38
CA ASN A 14 6.00 -12.92 -9.54
C ASN A 14 7.16 -12.00 -9.13
N VAL A 15 8.04 -12.51 -8.25
CA VAL A 15 9.16 -11.71 -7.83
C VAL A 15 10.04 -11.38 -9.02
N THR A 16 10.50 -10.13 -9.08
N THR A 16 10.42 -10.11 -9.16
CA THR A 16 11.39 -9.61 -10.09
CA THR A 16 11.51 -9.75 -10.08
C THR A 16 12.54 -8.88 -9.38
C THR A 16 12.59 -9.06 -9.28
N ILE A 17 13.79 -9.14 -9.78
N ILE A 17 13.79 -9.08 -9.83
CA ILE A 17 14.98 -8.52 -9.18
CA ILE A 17 14.91 -8.47 -9.17
C ILE A 17 15.67 -7.69 -10.21
C ILE A 17 15.75 -7.72 -10.19
N LEU A 18 16.06 -6.47 -9.86
CA LEU A 18 16.76 -5.61 -10.79
C LEU A 18 17.80 -4.79 -10.07
N GLY A 19 18.69 -4.16 -10.80
CA GLY A 19 19.65 -3.29 -10.18
C GLY A 19 20.79 -4.03 -9.55
N SER A 20 21.45 -3.33 -8.65
N SER A 20 21.46 -3.32 -8.65
CA SER A 20 22.59 -3.87 -7.91
CA SER A 20 22.70 -3.80 -8.01
C SER A 20 22.94 -2.90 -6.80
C SER A 20 23.04 -2.88 -6.84
N GLY A 21 23.65 -3.43 -5.80
CA GLY A 21 23.84 -2.52 -4.67
C GLY A 21 23.88 -3.24 -3.35
N GLU A 22 24.55 -2.64 -2.37
CA GLU A 22 24.67 -3.23 -1.05
C GLU A 22 23.37 -3.15 -0.28
N THR A 23 22.45 -2.32 -0.78
CA THR A 23 21.15 -2.14 -0.14
C THR A 23 20.02 -2.52 -1.08
N THR A 24 19.02 -3.21 -0.54
CA THR A 24 17.87 -3.65 -1.33
C THR A 24 16.63 -2.81 -1.00
N VAL A 25 16.00 -2.27 -2.03
CA VAL A 25 14.70 -1.63 -1.95
C VAL A 25 13.64 -2.65 -2.33
N VAL A 26 12.60 -2.82 -1.57
CA VAL A 26 11.48 -3.72 -1.89
C VAL A 26 10.31 -2.84 -2.15
N LEU A 27 9.66 -3.07 -3.31
CA LEU A 27 8.52 -2.26 -3.74
C LEU A 27 7.28 -3.10 -3.66
N GLY A 28 6.29 -2.67 -2.85
CA GLY A 28 5.05 -3.35 -2.63
C GLY A 28 3.83 -2.54 -3.05
N HIS A 29 3.21 -2.93 -4.15
CA HIS A 29 2.06 -2.23 -4.68
C HIS A 29 0.87 -2.39 -3.70
N GLY A 30 -0.09 -1.50 -3.84
CA GLY A 30 -1.30 -1.57 -3.03
C GLY A 30 -2.49 -2.17 -3.78
N TYR A 31 -3.64 -2.09 -3.16
CA TYR A 31 -4.86 -2.64 -3.69
C TYR A 31 -5.12 -2.16 -5.11
N GLY A 32 -5.52 -3.11 -5.97
CA GLY A 32 -5.99 -2.77 -7.30
C GLY A 32 -4.94 -2.61 -8.36
N THR A 33 -3.66 -2.70 -7.97
CA THR A 33 -2.54 -2.56 -8.86
C THR A 33 -1.66 -3.80 -8.79
N ASP A 34 -0.55 -3.80 -9.51
CA ASP A 34 0.47 -4.84 -9.36
C ASP A 34 1.83 -4.17 -9.46
N GLN A 35 2.91 -4.93 -9.52
CA GLN A 35 4.25 -4.31 -9.45
C GLN A 35 4.54 -3.38 -10.62
N SER A 36 3.75 -3.46 -11.69
CA SER A 36 3.88 -2.52 -12.81
C SER A 36 3.63 -1.06 -12.40
N VAL A 37 2.99 -0.85 -11.23
CA VAL A 37 2.71 0.50 -10.81
C VAL A 37 3.99 1.29 -10.56
N TRP A 38 5.09 0.58 -10.33
CA TRP A 38 6.36 1.21 -9.98
C TRP A 38 7.25 1.55 -11.18
N LYS A 39 6.71 1.43 -12.39
N LYS A 39 6.67 1.46 -12.40
CA LYS A 39 7.55 1.51 -13.55
CA LYS A 39 7.40 1.61 -13.66
C LYS A 39 8.28 2.87 -13.75
C LYS A 39 8.25 2.87 -13.74
N LEU A 40 7.72 3.98 -13.25
CA LEU A 40 8.41 5.26 -13.38
C LEU A 40 9.44 5.51 -12.25
N LEU A 41 9.30 4.82 -11.12
CA LEU A 41 10.24 4.94 -10.02
C LEU A 41 11.53 4.16 -10.26
N VAL A 42 11.38 2.96 -10.82
CA VAL A 42 12.50 2.05 -10.99
C VAL A 42 13.75 2.68 -11.63
N PRO A 43 13.60 3.50 -12.69
CA PRO A 43 14.81 4.07 -13.32
C PRO A 43 15.68 4.87 -12.37
N TYR A 44 15.07 5.46 -11.34
CA TYR A 44 15.79 6.29 -10.39
C TYR A 44 16.44 5.48 -9.28
N LEU A 45 16.19 4.18 -9.23
CA LEU A 45 16.76 3.29 -8.26
C LEU A 45 17.82 2.34 -8.77
N VAL A 46 17.68 1.93 -10.05
CA VAL A 46 18.42 0.80 -10.60
C VAL A 46 19.96 0.93 -10.52
N ASP A 47 20.48 2.16 -10.58
CA ASP A 47 21.93 2.34 -10.53
C ASP A 47 22.50 2.24 -9.12
N ASP A 48 21.64 2.45 -8.11
CA ASP A 48 22.08 2.67 -6.73
C ASP A 48 21.70 1.56 -5.77
N TYR A 49 20.70 0.76 -6.13
CA TYR A 49 20.14 -0.25 -5.24
C TYR A 49 19.84 -1.51 -6.01
N LYS A 50 19.87 -2.65 -5.32
N LYS A 50 19.83 -2.64 -5.30
CA LYS A 50 19.12 -3.80 -5.79
CA LYS A 50 19.14 -3.82 -5.79
C LYS A 50 17.66 -3.52 -5.49
C LYS A 50 17.67 -3.69 -5.41
N VAL A 51 16.77 -3.98 -6.35
CA VAL A 51 15.33 -3.74 -6.18
C VAL A 51 14.60 -5.05 -6.31
N LEU A 52 13.74 -5.38 -5.38
CA LEU A 52 12.85 -6.55 -5.43
C LEU A 52 11.45 -6.04 -5.55
N LEU A 53 10.75 -6.51 -6.60
CA LEU A 53 9.35 -6.20 -6.80
C LEU A 53 8.56 -7.50 -6.67
N TYR A 54 7.33 -7.42 -6.16
CA TYR A 54 6.49 -8.60 -6.07
C TYR A 54 5.04 -8.18 -6.18
N ASP A 55 4.19 -9.15 -6.47
CA ASP A 55 2.75 -8.96 -6.48
C ASP A 55 2.16 -9.64 -5.26
N HIS A 56 1.27 -8.95 -4.56
N HIS A 56 1.35 -8.93 -4.48
CA HIS A 56 0.63 -9.59 -3.44
CA HIS A 56 0.66 -9.54 -3.35
C HIS A 56 -0.41 -10.63 -3.88
C HIS A 56 -0.28 -10.65 -3.87
N MET A 57 -0.60 -11.64 -3.04
CA MET A 57 -1.46 -12.73 -3.47
C MET A 57 -2.89 -12.20 -3.67
N GLY A 58 -3.46 -12.59 -4.80
CA GLY A 58 -4.76 -12.11 -5.24
C GLY A 58 -4.72 -11.03 -6.28
N ALA A 59 -3.57 -10.41 -6.52
CA ALA A 59 -3.45 -9.54 -7.69
C ALA A 59 -3.84 -10.38 -8.92
N GLY A 60 -4.32 -9.75 -9.96
CA GLY A 60 -4.76 -10.50 -11.13
C GLY A 60 -3.67 -11.27 -11.86
N THR A 61 -2.42 -10.88 -11.66
CA THR A 61 -1.27 -11.57 -12.20
C THR A 61 -0.89 -12.83 -11.41
N THR A 62 -1.58 -13.13 -10.32
CA THR A 62 -1.28 -14.28 -9.51
C THR A 62 -2.32 -15.38 -9.78
N ASN A 63 -1.98 -16.59 -9.38
CA ASN A 63 -2.83 -17.76 -9.67
C ASN A 63 -3.96 -17.81 -8.64
N PRO A 64 -5.22 -17.80 -9.06
CA PRO A 64 -6.30 -17.82 -8.09
C PRO A 64 -6.32 -19.06 -7.21
N ASP A 65 -5.71 -20.14 -7.67
CA ASP A 65 -5.65 -21.35 -6.84
C ASP A 65 -4.86 -21.18 -5.55
N TYR A 66 -4.00 -20.17 -5.50
CA TYR A 66 -3.20 -19.93 -4.32
C TYR A 66 -3.83 -18.91 -3.37
N PHE A 67 -5.00 -18.37 -3.72
CA PHE A 67 -5.65 -17.39 -2.84
C PHE A 67 -6.49 -18.06 -1.79
N ASP A 68 -6.02 -18.02 -0.56
CA ASP A 68 -6.66 -18.62 0.61
C ASP A 68 -7.57 -17.55 1.21
N PHE A 69 -8.88 -17.74 1.06
CA PHE A 69 -9.85 -16.74 1.50
C PHE A 69 -9.84 -16.53 3.01
N ASP A 70 -9.43 -17.52 3.77
CA ASP A 70 -9.31 -17.34 5.23
C ASP A 70 -8.08 -16.52 5.59
N ARG A 71 -6.94 -16.84 5.00
CA ARG A 71 -5.72 -16.08 5.34
C ARG A 71 -5.76 -14.66 4.89
N TYR A 72 -6.39 -14.38 3.73
CA TYR A 72 -6.32 -13.04 3.16
C TYR A 72 -7.52 -12.19 3.53
N SER A 73 -8.34 -12.69 4.46
N SER A 73 -8.36 -12.68 4.45
CA SER A 73 -9.42 -11.92 5.07
CA SER A 73 -9.40 -11.85 5.06
C SER A 73 -8.94 -11.02 6.21
C SER A 73 -8.91 -11.09 6.30
N SER A 74 -7.67 -11.17 6.60
N SER A 74 -7.62 -11.21 6.60
CA SER A 74 -7.04 -10.23 7.53
CA SER A 74 -6.97 -10.29 7.54
C SER A 74 -5.63 -9.93 7.02
C SER A 74 -5.66 -9.87 6.92
N LEU A 75 -5.12 -8.75 7.38
CA LEU A 75 -3.87 -8.26 6.80
C LEU A 75 -2.67 -9.12 7.17
N GLU A 76 -2.74 -9.77 8.32
CA GLU A 76 -1.59 -10.53 8.81
C GLU A 76 -1.08 -11.58 7.83
N GLY A 77 -1.99 -12.21 7.06
CA GLY A 77 -1.56 -13.15 6.08
C GLY A 77 -0.58 -12.56 5.08
N TYR A 78 -0.86 -11.32 4.66
CA TYR A 78 0.02 -10.62 3.76
C TYR A 78 1.38 -10.33 4.41
N SER A 79 1.37 -9.91 5.67
N SER A 79 1.36 -9.93 5.68
N SER A 79 1.34 -9.92 5.68
CA SER A 79 2.62 -9.69 6.41
CA SER A 79 2.60 -9.66 6.40
CA SER A 79 2.56 -9.67 6.44
C SER A 79 3.50 -10.93 6.46
C SER A 79 3.47 -10.90 6.54
C SER A 79 3.47 -10.90 6.53
N TYR A 80 2.86 -12.07 6.74
CA TYR A 80 3.67 -13.27 6.91
C TYR A 80 4.19 -13.80 5.53
N ASP A 81 3.42 -13.52 4.48
CA ASP A 81 3.81 -13.88 3.14
C ASP A 81 5.02 -13.04 2.74
N LEU A 82 5.00 -11.76 3.13
CA LEU A 82 6.12 -10.84 2.82
C LEU A 82 7.42 -11.32 3.47
N ILE A 83 7.34 -11.73 4.75
N ILE A 83 7.39 -11.71 4.74
CA ILE A 83 8.53 -12.25 5.42
CA ILE A 83 8.63 -12.16 5.31
C ILE A 83 9.12 -13.44 4.60
C ILE A 83 9.14 -13.46 4.65
N ALA A 84 8.24 -14.34 4.23
CA ALA A 84 8.70 -15.51 3.46
C ALA A 84 9.41 -15.14 2.13
N ILE A 85 8.88 -14.14 1.46
CA ILE A 85 9.46 -13.68 0.19
C ILE A 85 10.87 -13.11 0.44
N LEU A 86 10.99 -12.22 1.44
CA LEU A 86 12.30 -11.62 1.77
C LEU A 86 13.32 -12.71 2.11
N GLU A 87 12.89 -13.70 2.89
CA GLU A 87 13.77 -14.79 3.29
C GLU A 87 14.22 -15.63 2.09
N GLU A 88 13.31 -15.87 1.15
CA GLU A 88 13.62 -16.66 -0.02
C GLU A 88 14.72 -16.02 -0.87
N PHE A 89 14.74 -14.69 -0.88
CA PHE A 89 15.71 -13.94 -1.64
C PHE A 89 16.90 -13.38 -0.81
N GLN A 90 16.93 -13.84 0.41
N GLN A 90 16.96 -13.86 0.40
N GLN A 90 17.02 -13.87 0.38
CA GLN A 90 18.00 -13.50 1.34
CA GLN A 90 18.04 -13.50 1.32
CA GLN A 90 18.14 -13.47 1.25
C GLN A 90 18.16 -11.99 1.47
C GLN A 90 18.16 -11.99 1.47
C GLN A 90 18.18 -11.97 1.49
N VAL A 91 17.07 -11.37 1.54
CA VAL A 91 16.99 -9.92 1.75
C VAL A 91 16.90 -9.62 3.27
N SER A 92 17.68 -8.63 3.72
N SER A 92 17.77 -8.68 3.72
CA SER A 92 17.53 -8.13 5.07
CA SER A 92 17.85 -8.21 5.13
C SER A 92 17.85 -6.65 5.07
C SER A 92 17.97 -6.68 5.11
N LYS A 93 17.46 -5.99 6.20
CA LYS A 93 17.65 -4.56 6.33
C LYS A 93 17.26 -3.82 5.06
N CYS A 94 16.06 -4.14 4.58
CA CYS A 94 15.61 -3.55 3.30
C CYS A 94 14.98 -2.19 3.52
N ILE A 95 14.91 -1.43 2.44
CA ILE A 95 14.10 -0.21 2.41
C ILE A 95 12.79 -0.64 1.78
N TYR A 96 11.72 -0.74 2.54
CA TYR A 96 10.45 -1.18 2.00
C TYR A 96 9.59 0.01 1.64
N VAL A 97 9.12 0.06 0.37
CA VAL A 97 8.27 1.13 -0.10
C VAL A 97 6.94 0.51 -0.43
N GLY A 98 5.86 0.93 0.24
CA GLY A 98 4.56 0.36 -0.02
C GLY A 98 3.50 1.40 -0.21
N HIS A 99 2.48 1.05 -0.95
CA HIS A 99 1.26 1.84 -1.03
C HIS A 99 0.24 1.27 -0.08
N SER A 100 -0.35 2.16 0.72
N SER A 100 -0.26 2.18 0.75
N SER A 100 -0.24 2.12 0.83
CA SER A 100 -1.40 1.92 1.75
CA SER A 100 -1.50 2.08 1.46
CA SER A 100 -1.26 1.81 1.86
C SER A 100 -1.38 0.51 2.43
C SER A 100 -1.38 0.85 2.32
C SER A 100 -1.31 0.36 2.37
N MET A 101 -2.31 -0.44 2.13
N MET A 101 -2.16 -0.19 2.02
CA MET A 101 -2.37 -1.70 2.89
CA MET A 101 -2.12 -1.39 2.88
C MET A 101 -1.04 -2.41 2.94
C MET A 101 -0.85 -2.24 2.76
N SER A 102 -0.26 -2.26 1.87
N SER A 102 -0.09 -2.14 1.69
N SER A 102 -0.25 -2.24 1.77
CA SER A 102 1.01 -2.96 1.80
CA SER A 102 1.15 -2.91 1.67
CA SER A 102 1.07 -2.87 1.67
C SER A 102 2.10 -2.34 2.67
C SER A 102 2.14 -2.33 2.66
C SER A 102 2.02 -2.35 2.72
N SER A 103 2.09 -1.02 2.83
CA SER A 103 2.96 -0.38 3.84
C SER A 103 2.58 -0.85 5.26
N MET A 104 1.28 -1.00 5.51
N MET A 104 1.27 -0.96 5.53
CA MET A 104 0.83 -1.44 6.81
CA MET A 104 0.81 -1.46 6.82
C MET A 104 1.12 -2.93 7.02
C MET A 104 1.19 -2.91 7.01
N ALA A 105 1.07 -3.73 5.94
CA ALA A 105 1.47 -5.13 6.05
C ALA A 105 2.95 -5.23 6.43
N ALA A 106 3.78 -4.37 5.84
CA ALA A 106 5.21 -4.36 6.16
C ALA A 106 5.44 -3.87 7.61
N ALA A 107 4.67 -2.89 8.05
CA ALA A 107 4.78 -2.43 9.43
C ALA A 107 4.52 -3.57 10.40
N VAL A 108 3.46 -4.32 10.18
CA VAL A 108 3.18 -5.47 11.03
C VAL A 108 4.30 -6.50 10.94
N ALA A 109 4.75 -6.81 9.73
CA ALA A 109 5.85 -7.75 9.55
C ALA A 109 7.09 -7.34 10.32
N SER A 110 7.35 -6.03 10.33
N SER A 110 7.36 -6.02 10.32
CA SER A 110 8.55 -5.50 10.99
CA SER A 110 8.53 -5.45 11.01
C SER A 110 8.54 -5.65 12.51
C SER A 110 8.56 -5.71 12.50
N ILE A 111 7.38 -5.86 13.11
CA ILE A 111 7.30 -6.14 14.55
C ILE A 111 7.92 -7.51 14.82
N PHE A 112 7.58 -8.46 13.95
CA PHE A 112 8.08 -9.84 14.08
C PHE A 112 9.51 -10.02 13.62
N ARG A 113 9.89 -9.26 12.58
CA ARG A 113 11.20 -9.40 11.93
C ARG A 113 11.81 -8.04 11.66
N PRO A 114 12.17 -7.34 12.75
CA PRO A 114 12.76 -6.02 12.54
C PRO A 114 14.11 -6.08 11.81
N ASP A 115 14.77 -7.22 11.89
CA ASP A 115 16.02 -7.46 11.17
C ASP A 115 15.88 -7.35 9.64
N LEU A 116 14.67 -7.57 9.13
CA LEU A 116 14.42 -7.55 7.70
C LEU A 116 14.20 -6.16 7.13
N PHE A 117 14.03 -5.14 7.98
CA PHE A 117 13.61 -3.81 7.54
C PHE A 117 14.50 -2.74 8.13
N HIS A 118 15.14 -1.95 7.27
CA HIS A 118 15.86 -0.77 7.68
C HIS A 118 14.95 0.43 7.86
N LYS A 119 13.97 0.60 6.98
CA LYS A 119 12.98 1.67 7.09
C LYS A 119 11.79 1.33 6.24
N LEU A 120 10.65 1.96 6.51
CA LEU A 120 9.43 1.79 5.73
C LEU A 120 9.09 3.14 5.16
N VAL A 121 8.85 3.18 3.85
CA VAL A 121 8.36 4.35 3.14
C VAL A 121 6.92 4.03 2.76
N MET A 122 5.99 4.84 3.22
N MET A 122 5.98 4.77 3.35
CA MET A 122 4.57 4.50 3.27
CA MET A 122 4.55 4.49 3.30
C MET A 122 3.75 5.52 2.54
C MET A 122 3.84 5.54 2.48
N ILE A 123 3.20 5.14 1.39
CA ILE A 123 2.40 6.07 0.58
C ILE A 123 0.95 5.90 0.96
N SER A 124 0.33 6.94 1.51
N SER A 124 0.34 6.97 1.47
N SER A 124 0.38 6.96 1.52
CA SER A 124 -1.09 6.93 1.86
CA SER A 124 -1.07 6.95 1.88
CA SER A 124 -1.03 7.01 1.89
C SER A 124 -1.52 5.87 2.87
C SER A 124 -1.43 5.77 2.78
C SER A 124 -1.48 5.88 2.83
N PRO A 125 -0.76 5.64 3.95
CA PRO A 125 -1.15 4.63 4.90
C PRO A 125 -2.35 5.05 5.77
N THR A 126 -3.13 4.05 6.19
CA THR A 126 -4.12 4.24 7.23
C THR A 126 -4.24 2.97 8.03
N PRO A 127 -4.34 3.12 9.35
CA PRO A 127 -4.47 1.96 10.24
C PRO A 127 -5.91 1.50 10.38
N ARG A 128 -6.85 2.30 9.88
CA ARG A 128 -8.27 1.96 9.96
C ARG A 128 -9.13 2.97 9.22
N LEU A 129 -10.20 2.48 8.61
CA LEU A 129 -11.13 3.33 7.86
C LEU A 129 -12.35 3.75 8.65
N ILE A 130 -12.86 2.86 9.49
N ILE A 130 -12.83 2.86 9.52
CA ILE A 130 -14.17 3.06 10.12
CA ILE A 130 -14.14 3.04 10.13
C ILE A 130 -14.07 3.95 11.37
C ILE A 130 -14.01 4.00 11.34
N ASN A 131 -14.90 4.99 11.37
CA ASN A 131 -14.92 5.94 12.48
C ASN A 131 -15.33 5.30 13.80
N THR A 132 -14.78 5.84 14.89
CA THR A 132 -15.28 5.58 16.25
C THR A 132 -15.52 6.95 16.88
N GLU A 133 -15.95 6.95 18.13
CA GLU A 133 -16.12 8.20 18.89
C GLU A 133 -14.83 9.02 18.98
N GLU A 134 -13.70 8.32 19.06
CA GLU A 134 -12.41 8.91 19.33
C GLU A 134 -11.48 8.98 18.11
N TYR A 135 -11.83 8.32 17.01
CA TYR A 135 -10.93 8.16 15.84
C TYR A 135 -11.73 8.38 14.55
N TYR A 136 -11.26 9.26 13.67
CA TYR A 136 -11.90 9.54 12.38
C TYR A 136 -11.06 8.91 11.26
N GLY A 137 -11.59 7.84 10.68
CA GLY A 137 -10.98 7.18 9.52
C GLY A 137 -11.55 7.57 8.18
N GLY A 138 -12.71 8.25 8.18
CA GLY A 138 -13.36 8.70 6.98
C GLY A 138 -14.64 7.99 6.60
N PHE A 139 -14.96 6.86 7.25
CA PHE A 139 -16.09 6.01 6.84
C PHE A 139 -16.94 5.64 8.03
N GLU A 140 -18.25 5.69 7.85
N GLU A 140 -18.27 5.78 7.92
CA GLU A 140 -19.17 5.37 8.94
CA GLU A 140 -19.19 5.38 8.99
C GLU A 140 -19.65 3.93 8.82
C GLU A 140 -19.57 3.93 8.82
N GLN A 141 -19.60 3.22 9.94
CA GLN A 141 -19.96 1.81 9.97
C GLN A 141 -21.30 1.48 9.33
N LYS A 142 -22.33 2.23 9.66
N LYS A 142 -22.33 2.20 9.74
CA LYS A 142 -23.67 1.85 9.18
CA LYS A 142 -23.69 1.94 9.23
C LYS A 142 -23.87 2.13 7.69
C LYS A 142 -23.80 2.08 7.70
N VAL A 143 -23.10 3.06 7.12
CA VAL A 143 -23.08 3.28 5.68
C VAL A 143 -22.28 2.17 5.00
N MET A 144 -21.11 1.88 5.54
N MET A 144 -21.11 1.88 5.53
CA MET A 144 -20.28 0.79 5.02
CA MET A 144 -20.30 0.80 5.00
C MET A 144 -21.05 -0.53 5.00
C MET A 144 -21.05 -0.54 5.00
N ASP A 145 -21.85 -0.78 6.03
CA ASP A 145 -22.64 -2.01 6.07
C ASP A 145 -23.62 -2.10 4.91
N GLU A 146 -24.28 -0.99 4.57
CA GLU A 146 -25.15 -0.98 3.38
C GLU A 146 -24.38 -1.26 2.12
N THR A 147 -23.27 -0.54 1.94
CA THR A 147 -22.51 -0.69 0.73
C THR A 147 -22.00 -2.11 0.53
N LEU A 148 -21.48 -2.68 1.61
CA LEU A 148 -20.91 -4.01 1.52
C LEU A 148 -21.97 -5.09 1.33
N ARG A 149 -23.22 -4.85 1.74
CA ARG A 149 -24.24 -5.87 1.61
C ARG A 149 -24.47 -6.24 0.15
N SER A 150 -24.35 -5.27 -0.76
CA SER A 150 -24.55 -5.48 -2.19
C SER A 150 -23.29 -5.30 -3.00
N LEU A 151 -22.14 -5.44 -2.37
CA LEU A 151 -20.87 -5.25 -3.04
C LEU A 151 -20.65 -6.24 -4.17
N ASP A 152 -20.93 -7.51 -3.93
N ASP A 152 -20.96 -7.51 -3.95
CA ASP A 152 -20.51 -8.54 -4.87
CA ASP A 152 -20.53 -8.54 -4.88
C ASP A 152 -21.17 -8.40 -6.23
C ASP A 152 -21.14 -8.29 -6.25
N GLU A 153 -22.46 -8.09 -6.27
CA GLU A 153 -23.18 -7.92 -7.52
C GLU A 153 -22.94 -6.57 -8.16
N ASN A 154 -22.40 -5.62 -7.39
CA ASN A 154 -22.10 -4.27 -7.87
C ASN A 154 -20.62 -3.92 -7.98
N PHE A 155 -19.74 -4.92 -7.92
CA PHE A 155 -18.32 -4.60 -7.76
C PHE A 155 -17.81 -3.65 -8.84
N LYS A 156 -18.13 -3.95 -10.10
N LYS A 156 -18.00 -3.99 -10.11
CA LYS A 156 -17.66 -3.12 -11.17
CA LYS A 156 -17.36 -3.22 -11.18
C LYS A 156 -18.30 -1.73 -11.17
C LYS A 156 -17.89 -1.81 -11.23
N SER A 157 -19.63 -1.65 -11.05
N SER A 157 -19.21 -1.71 -11.07
N SER A 157 -19.35 -1.82 -10.98
CA SER A 157 -20.26 -0.35 -11.12
CA SER A 157 -19.89 -0.42 -11.19
CA SER A 157 -20.04 -0.54 -11.14
C SER A 157 -19.86 0.55 -9.95
C SER A 157 -19.65 0.50 -9.99
C SER A 157 -19.69 0.46 -10.02
N LEU A 158 -19.69 -0.03 -8.77
CA LEU A 158 -19.27 0.74 -7.59
C LEU A 158 -17.82 1.19 -7.75
N SER A 159 -16.98 0.29 -8.19
CA SER A 159 -15.56 0.61 -8.34
C SER A 159 -15.35 1.67 -9.39
N LEU A 160 -15.99 1.52 -10.57
CA LEU A 160 -15.89 2.56 -11.60
C LEU A 160 -16.47 3.87 -11.14
N GLY A 161 -17.60 3.81 -10.45
CA GLY A 161 -18.27 5.02 -10.02
C GLY A 161 -17.49 5.83 -9.03
N THR A 162 -16.70 5.17 -8.19
CA THR A 162 -15.92 5.84 -7.16
C THR A 162 -14.49 6.12 -7.56
N ALA A 163 -13.96 5.42 -8.55
CA ALA A 163 -12.53 5.53 -8.85
C ALA A 163 -12.08 6.94 -9.19
N PRO A 164 -12.87 7.73 -9.92
CA PRO A 164 -12.35 9.09 -10.20
C PRO A 164 -12.13 9.93 -8.97
N LEU A 165 -12.94 9.78 -7.92
N LEU A 165 -12.95 9.70 -7.98
CA LEU A 165 -12.63 10.52 -6.66
CA LEU A 165 -12.86 10.40 -6.73
C LEU A 165 -11.55 9.85 -5.88
C LEU A 165 -11.74 9.84 -5.84
N LEU A 166 -11.53 8.52 -5.88
CA LEU A 166 -10.45 7.83 -5.17
C LEU A 166 -9.10 8.27 -5.70
N LEU A 167 -8.97 8.30 -7.03
N LEU A 167 -8.96 8.27 -7.03
CA LEU A 167 -7.70 8.63 -7.66
CA LEU A 167 -7.69 8.64 -7.68
C LEU A 167 -7.52 10.12 -7.91
C LEU A 167 -7.50 10.13 -7.83
N ALA A 168 -8.60 10.89 -7.79
CA ALA A 168 -8.61 12.32 -8.11
C ALA A 168 -8.13 12.54 -9.54
N CYS A 169 -8.72 11.76 -10.44
N CYS A 169 -8.72 11.80 -10.46
N CYS A 169 -8.76 11.83 -10.46
CA CYS A 169 -8.41 11.78 -11.88
CA CYS A 169 -8.48 12.04 -11.88
CA CYS A 169 -8.46 11.95 -11.89
C CYS A 169 -9.75 11.76 -12.60
C CYS A 169 -9.64 11.52 -12.68
C CYS A 169 -9.78 11.83 -12.64
N ASP A 170 -9.75 12.06 -13.89
N ASP A 170 -9.75 12.06 -13.88
CA ASP A 170 -10.97 11.90 -14.66
CA ASP A 170 -10.89 11.87 -14.75
C ASP A 170 -11.13 10.45 -15.13
C ASP A 170 -11.12 10.39 -15.09
N LEU A 171 -12.38 10.02 -15.30
CA LEU A 171 -12.68 8.64 -15.75
C LEU A 171 -11.92 8.27 -17.05
N GLU A 172 -11.74 9.24 -17.95
CA GLU A 172 -11.09 9.00 -19.25
C GLU A 172 -9.58 9.19 -19.28
N SER A 173 -8.97 9.49 -18.14
CA SER A 173 -7.54 9.78 -18.07
C SER A 173 -6.68 8.51 -18.21
N ALA A 174 -5.43 8.71 -18.55
CA ALA A 174 -4.50 7.57 -18.67
C ALA A 174 -4.33 6.87 -17.32
N ALA A 175 -4.27 7.64 -16.23
CA ALA A 175 -4.10 7.03 -14.91
C ALA A 175 -5.30 6.15 -14.57
N MET A 176 -6.51 6.65 -14.83
N MET A 176 -6.50 6.61 -14.94
N MET A 176 -6.51 6.61 -14.89
CA MET A 176 -7.72 5.88 -14.52
CA MET A 176 -7.71 5.85 -14.76
CA MET A 176 -7.70 5.78 -14.69
C MET A 176 -7.80 4.57 -15.28
C MET A 176 -7.79 4.61 -15.67
C MET A 176 -7.72 4.55 -15.59
N GLN A 177 -7.43 4.66 -16.56
N GLN A 177 -7.30 4.71 -16.91
CA GLN A 177 -7.46 3.51 -17.43
CA GLN A 177 -7.26 3.53 -17.74
C GLN A 177 -6.41 2.46 -17.00
C GLN A 177 -6.37 2.46 -17.09
N GLU A 178 -5.24 2.91 -16.55
CA GLU A 178 -4.23 2.01 -16.00
C GLU A 178 -4.69 1.33 -14.70
N TYR A 179 -5.28 2.10 -13.80
CA TYR A 179 -5.80 1.53 -12.55
C TYR A 179 -6.89 0.48 -12.84
N CYS A 180 -7.85 0.85 -13.72
CA CYS A 180 -8.92 -0.07 -13.99
C CYS A 180 -8.45 -1.36 -14.67
N ARG A 181 -7.39 -1.23 -15.49
CA ARG A 181 -6.81 -2.40 -16.16
C ARG A 181 -6.42 -3.47 -15.11
N THR A 182 -5.67 -3.06 -14.11
CA THR A 182 -5.27 -4.00 -13.08
C THR A 182 -6.40 -4.34 -12.12
N LEU A 183 -7.22 -3.37 -11.74
CA LEU A 183 -8.31 -3.66 -10.79
C LEU A 183 -9.23 -4.75 -11.28
N PHE A 184 -9.62 -4.64 -12.54
CA PHE A 184 -10.55 -5.57 -13.14
C PHE A 184 -9.89 -6.86 -13.63
N ASN A 185 -8.54 -6.93 -13.53
N ASN A 185 -8.59 -7.01 -13.50
CA ASN A 185 -7.75 -8.16 -13.73
CA ASN A 185 -8.00 -8.31 -13.74
C ASN A 185 -7.94 -9.16 -12.56
C ASN A 185 -7.95 -9.20 -12.53
N MET A 186 -8.28 -8.68 -11.35
CA MET A 186 -8.53 -9.60 -10.23
C MET A 186 -9.76 -10.44 -10.53
N ARG A 187 -9.76 -11.68 -10.07
CA ARG A 187 -10.98 -12.46 -10.10
C ARG A 187 -11.97 -11.76 -9.16
N PRO A 188 -13.25 -11.64 -9.56
CA PRO A 188 -14.15 -10.82 -8.75
C PRO A 188 -14.31 -11.23 -7.29
N ASP A 189 -14.42 -12.53 -7.03
CA ASP A 189 -14.58 -12.99 -5.66
C ASP A 189 -13.35 -12.65 -4.83
N ILE A 190 -12.15 -12.74 -5.43
CA ILE A 190 -10.93 -12.36 -4.74
C ILE A 190 -10.90 -10.87 -4.47
N ALA A 191 -11.28 -10.06 -5.46
CA ALA A 191 -11.31 -8.61 -5.23
C ALA A 191 -12.24 -8.25 -4.09
N CYS A 192 -13.40 -8.91 -4.03
CA CYS A 192 -14.33 -8.60 -2.95
C CYS A 192 -13.80 -9.03 -1.58
N CYS A 193 -13.08 -10.15 -1.52
CA CYS A 193 -12.45 -10.57 -0.25
C CYS A 193 -11.42 -9.54 0.21
N ILE A 194 -10.54 -9.07 -0.68
CA ILE A 194 -9.54 -8.09 -0.31
C ILE A 194 -10.21 -6.79 0.08
N THR A 195 -11.23 -6.38 -0.66
CA THR A 195 -11.97 -5.17 -0.34
C THR A 195 -12.54 -5.20 1.08
N ARG A 196 -13.21 -6.29 1.42
N ARG A 196 -13.21 -6.30 1.44
CA ARG A 196 -13.76 -6.43 2.74
CA ARG A 196 -13.79 -6.45 2.76
C ARG A 196 -12.69 -6.42 3.82
C ARG A 196 -12.72 -6.50 3.87
N MET A 197 -11.56 -7.07 3.57
CA MET A 197 -10.43 -7.03 4.50
C MET A 197 -9.99 -5.62 4.78
N ILE A 198 -9.82 -4.81 3.73
N ILE A 198 -9.81 -4.82 3.73
CA ILE A 198 -9.40 -3.42 3.91
CA ILE A 198 -9.36 -3.44 3.90
C ILE A 198 -10.42 -2.65 4.73
C ILE A 198 -10.39 -2.57 4.62
N CYS A 199 -11.67 -2.81 4.36
CA CYS A 199 -12.73 -2.05 5.05
C CYS A 199 -12.80 -2.36 6.53
N GLY A 200 -12.44 -3.57 6.93
CA GLY A 200 -12.47 -4.00 8.32
C GLY A 200 -11.21 -3.83 9.15
N LEU A 201 -10.19 -3.18 8.56
N LEU A 201 -10.12 -3.37 8.56
CA LEU A 201 -8.87 -2.98 9.21
CA LEU A 201 -8.86 -3.43 9.26
C LEU A 201 -9.02 -2.34 10.56
C LEU A 201 -8.85 -2.41 10.43
N ASP A 202 -8.22 -2.83 11.53
CA ASP A 202 -7.93 -1.98 12.70
C ASP A 202 -6.57 -2.37 13.20
N LEU A 203 -5.56 -1.68 12.66
CA LEU A 203 -4.18 -1.96 13.01
C LEU A 203 -3.67 -1.10 14.16
N ARG A 204 -4.54 -0.28 14.75
CA ARG A 204 -4.13 0.60 15.83
C ARG A 204 -3.40 -0.12 16.96
N PRO A 205 -3.80 -1.34 17.34
CA PRO A 205 -3.08 -1.95 18.46
C PRO A 205 -1.62 -2.28 18.20
N TYR A 206 -1.25 -2.40 16.93
CA TYR A 206 0.14 -2.68 16.58
C TYR A 206 1.08 -1.49 16.63
N LEU A 207 0.55 -0.28 16.51
CA LEU A 207 1.39 0.86 16.11
C LEU A 207 2.50 1.17 17.10
N GLY A 208 2.21 1.08 18.39
CA GLY A 208 3.22 1.38 19.38
C GLY A 208 4.34 0.38 19.44
N HIS A 209 4.18 -0.74 18.77
N HIS A 209 4.18 -0.80 18.81
CA HIS A 209 5.12 -1.79 18.79
CA HIS A 209 5.25 -1.82 18.71
C HIS A 209 5.93 -1.88 17.48
C HIS A 209 6.06 -1.80 17.47
N VAL A 210 5.62 -0.97 16.51
CA VAL A 210 6.45 -0.73 15.35
C VAL A 210 7.58 0.18 15.77
N THR A 211 8.80 -0.27 15.57
CA THR A 211 9.99 0.47 15.93
C THR A 211 10.89 0.88 14.82
N VAL A 212 10.79 0.25 13.65
N VAL A 212 10.74 0.26 13.65
CA VAL A 212 11.59 0.68 12.52
CA VAL A 212 11.49 0.65 12.46
C VAL A 212 11.16 2.10 12.15
C VAL A 212 11.11 2.07 12.05
N PRO A 213 12.06 2.87 11.54
CA PRO A 213 11.71 4.21 11.11
C PRO A 213 10.66 4.19 9.98
N CYS A 214 9.68 5.08 10.07
CA CYS A 214 8.58 5.15 9.11
C CYS A 214 8.53 6.51 8.48
N HIS A 215 8.43 6.54 7.14
CA HIS A 215 8.38 7.74 6.37
C HIS A 215 7.00 7.80 5.75
N ILE A 216 6.14 8.70 6.20
CA ILE A 216 4.73 8.74 5.87
C ILE A 216 4.52 9.83 4.82
N ILE A 217 4.11 9.43 3.63
CA ILE A 217 3.92 10.31 2.48
C ILE A 217 2.44 10.35 2.18
N GLN A 218 1.82 11.52 2.15
CA GLN A 218 0.40 11.68 1.99
C GLN A 218 0.06 12.69 0.93
N SER A 219 -1.06 12.50 0.21
N SER A 219 -1.08 12.44 0.30
CA SER A 219 -1.68 13.60 -0.53
CA SER A 219 -1.73 13.38 -0.55
C SER A 219 -2.30 14.59 0.43
C SER A 219 -2.52 14.36 0.32
N SER A 220 -2.41 15.84 -0.01
N SER A 220 -2.41 15.66 0.04
CA SER A 220 -3.14 16.85 0.75
CA SER A 220 -3.11 16.66 0.86
C SER A 220 -4.64 16.63 0.81
C SER A 220 -4.59 16.38 0.98
N ASN A 221 -5.17 15.87 -0.15
N ASN A 221 -5.22 16.02 -0.13
CA ASN A 221 -6.61 15.53 -0.22
CA ASN A 221 -6.59 15.54 -0.09
C ASN A 221 -6.71 14.11 -0.72
C ASN A 221 -6.64 14.12 -0.66
N ASP A 222 -7.17 13.21 0.14
CA ASP A 222 -7.29 11.77 -0.17
C ASP A 222 -8.56 11.31 0.50
N ILE A 223 -9.55 10.87 -0.27
CA ILE A 223 -10.83 10.45 0.29
C ILE A 223 -10.73 9.22 1.20
N MET A 224 -9.66 8.45 1.09
N MET A 224 -9.66 8.45 1.05
CA MET A 224 -9.49 7.26 1.89
CA MET A 224 -9.44 7.26 1.87
C MET A 224 -8.64 7.49 3.14
C MET A 224 -8.77 7.56 3.19
N VAL A 225 -7.98 8.65 3.26
CA VAL A 225 -7.06 8.93 4.37
C VAL A 225 -7.20 10.38 4.78
N PRO A 226 -8.01 10.62 5.81
CA PRO A 226 -8.09 11.99 6.36
C PRO A 226 -6.65 12.51 6.66
N VAL A 227 -6.34 13.75 6.32
CA VAL A 227 -5.00 14.23 6.53
C VAL A 227 -4.44 14.04 7.98
N ALA A 228 -5.33 14.14 8.95
CA ALA A 228 -4.95 13.95 10.37
C ALA A 228 -4.44 12.56 10.70
N VAL A 229 -4.71 11.57 9.84
CA VAL A 229 -4.20 10.25 10.10
C VAL A 229 -2.65 10.23 10.10
N GLY A 230 -2.05 11.08 9.28
CA GLY A 230 -0.61 11.16 9.19
C GLY A 230 0.00 11.53 10.52
N GLU A 231 -0.63 12.49 11.20
CA GLU A 231 -0.14 12.94 12.50
C GLU A 231 -0.42 11.87 13.55
N TYR A 232 -1.57 11.21 13.45
CA TYR A 232 -1.94 10.17 14.37
C TYR A 232 -0.86 9.07 14.31
N LEU A 233 -0.45 8.70 13.11
CA LEU A 233 0.61 7.70 12.96
C LEU A 233 1.91 8.18 13.61
N ARG A 234 2.33 9.41 13.36
CA ARG A 234 3.56 9.90 14.00
C ARG A 234 3.49 9.81 15.52
N LYS A 235 2.33 10.13 16.08
N LYS A 235 2.35 10.19 16.07
CA LYS A 235 2.19 10.17 17.54
CA LYS A 235 2.15 10.19 17.50
C LYS A 235 2.06 8.78 18.13
C LYS A 235 2.18 8.78 18.08
N ASN A 236 1.65 7.79 17.35
CA ASN A 236 1.41 6.45 17.90
C ASN A 236 2.41 5.38 17.50
N LEU A 237 3.18 5.60 16.44
CA LEU A 237 4.22 4.62 16.08
C LEU A 237 5.31 4.62 17.13
N GLY A 238 5.88 3.45 17.40
CA GLY A 238 6.85 3.31 18.47
C GLY A 238 8.27 3.71 18.17
N GLY A 239 8.60 3.98 16.94
CA GLY A 239 9.92 4.40 16.51
C GLY A 239 9.86 5.79 15.94
N PRO A 240 10.95 6.22 15.32
CA PRO A 240 10.96 7.54 14.70
C PRO A 240 10.16 7.59 13.42
N SER A 241 9.54 8.71 13.13
N SER A 241 9.57 8.74 13.12
CA SER A 241 8.86 8.88 11.87
CA SER A 241 8.73 8.87 11.93
C SER A 241 8.96 10.28 11.37
C SER A 241 8.81 10.29 11.40
N VAL A 242 8.64 10.42 10.08
CA VAL A 242 8.52 11.69 9.41
C VAL A 242 7.21 11.70 8.63
N VAL A 243 6.51 12.83 8.58
N VAL A 243 6.50 12.83 8.62
CA VAL A 243 5.29 13.00 7.84
CA VAL A 243 5.25 12.97 7.86
C VAL A 243 5.48 14.11 6.83
C VAL A 243 5.35 14.11 6.84
N GLU A 244 5.23 13.76 5.56
CA GLU A 244 5.32 14.71 4.45
C GLU A 244 4.01 14.67 3.67
N VAL A 245 3.26 15.76 3.74
CA VAL A 245 2.08 15.98 2.93
C VAL A 245 2.52 16.68 1.66
N MET A 246 2.10 16.12 0.53
CA MET A 246 2.48 16.64 -0.79
C MET A 246 1.34 17.46 -1.38
N PRO A 247 1.67 18.34 -2.33
CA PRO A 247 0.64 19.09 -3.07
C PRO A 247 0.07 18.23 -4.20
N THR A 248 -0.53 17.13 -3.80
N THR A 248 -0.67 17.22 -3.79
CA THR A 248 -1.18 16.18 -4.68
CA THR A 248 -1.16 16.20 -4.68
C THR A 248 -2.56 15.93 -4.15
C THR A 248 -2.46 15.68 -4.11
N GLU A 249 -3.40 15.36 -4.99
CA GLU A 249 -4.70 14.85 -4.61
C GLU A 249 -4.80 13.41 -5.06
N GLY A 250 -5.57 12.62 -4.32
CA GLY A 250 -5.82 11.24 -4.68
C GLY A 250 -5.08 10.25 -3.80
N HIS A 251 -5.61 9.03 -3.77
CA HIS A 251 -5.07 8.00 -2.91
C HIS A 251 -3.86 7.29 -3.50
N LEU A 252 -3.65 7.39 -4.82
CA LEU A 252 -2.52 6.75 -5.52
C LEU A 252 -1.70 7.81 -6.23
N PRO A 253 -1.11 8.76 -5.46
CA PRO A 253 -0.42 9.85 -6.12
C PRO A 253 0.80 9.39 -6.91
N HIS A 254 1.39 8.26 -6.54
CA HIS A 254 2.50 7.70 -7.29
C HIS A 254 2.09 7.30 -8.71
N LEU A 255 0.83 6.94 -8.89
CA LEU A 255 0.26 6.58 -10.19
C LEU A 255 -0.21 7.83 -10.94
N SER A 256 -0.99 8.68 -10.27
CA SER A 256 -1.67 9.78 -10.91
C SER A 256 -0.88 11.08 -11.03
N MET A 257 0.05 11.30 -10.10
CA MET A 257 0.84 12.54 -10.05
C MET A 257 2.31 12.20 -9.84
N PRO A 258 2.91 11.42 -10.75
CA PRO A 258 4.28 11.01 -10.55
C PRO A 258 5.30 12.14 -10.57
N GLU A 259 5.00 13.22 -11.28
N GLU A 259 5.05 13.18 -11.35
CA GLU A 259 5.93 14.34 -11.40
CA GLU A 259 5.99 14.32 -11.40
C GLU A 259 6.24 14.92 -10.02
C GLU A 259 6.23 14.99 -10.04
N VAL A 260 5.20 15.04 -9.19
CA VAL A 260 5.36 15.52 -7.82
C VAL A 260 5.82 14.37 -6.90
N THR A 261 5.20 13.21 -7.05
CA THR A 261 5.36 12.16 -6.05
C THR A 261 6.68 11.43 -6.11
N ILE A 262 7.16 11.10 -7.31
N ILE A 262 7.15 11.12 -7.31
CA ILE A 262 8.42 10.37 -7.41
CA ILE A 262 8.34 10.33 -7.43
C ILE A 262 9.58 11.06 -6.71
C ILE A 262 9.60 11.01 -6.81
N PRO A 263 9.77 12.35 -6.94
CA PRO A 263 10.89 12.98 -6.21
C PRO A 263 10.78 12.88 -4.68
N VAL A 264 9.57 12.94 -4.15
CA VAL A 264 9.34 12.82 -2.71
C VAL A 264 9.69 11.41 -2.25
N VAL A 265 9.13 10.41 -2.94
CA VAL A 265 9.45 9.02 -2.59
C VAL A 265 10.95 8.77 -2.64
N LEU A 266 11.61 9.24 -3.68
N LEU A 266 11.58 9.31 -3.66
CA LEU A 266 13.08 9.06 -3.78
CA LEU A 266 13.00 9.18 -3.85
C LEU A 266 13.85 9.59 -2.61
C LEU A 266 13.84 9.91 -2.75
N ARG A 267 13.47 10.78 -2.21
N ARG A 267 13.39 11.04 -2.21
CA ARG A 267 14.17 11.41 -1.13
CA ARG A 267 14.10 11.60 -1.03
C ARG A 267 14.02 10.63 0.16
C ARG A 267 14.03 10.62 0.14
N HIS A 268 12.84 10.09 0.41
CA HIS A 268 12.65 9.25 1.61
C HIS A 268 13.35 7.90 1.49
N ILE A 269 13.44 7.35 0.27
CA ILE A 269 14.29 6.17 0.07
C ILE A 269 15.77 6.48 0.38
N ARG A 270 16.26 7.55 -0.23
CA ARG A 270 17.68 7.83 -0.23
C ARG A 270 18.21 8.38 1.09
N GLN A 271 17.37 9.05 1.87
N GLN A 271 17.36 9.02 1.88
CA GLN A 271 17.79 9.80 3.05
CA GLN A 271 17.82 9.71 3.05
C GLN A 271 17.16 9.22 4.32
C GLN A 271 17.17 9.18 4.30
N ASP A 272 18.01 8.71 5.22
CA ASP A 272 17.53 8.21 6.49
C ASP A 272 17.27 9.35 7.47
N ILE A 273 16.34 9.14 8.39
CA ILE A 273 16.10 10.04 9.51
C ILE A 273 16.77 9.59 10.80
N THR A 274 17.40 8.41 10.75
N THR A 274 17.44 8.45 10.78
CA THR A 274 18.11 7.78 11.85
CA THR A 274 18.14 8.01 11.96
C THR A 274 19.57 7.60 11.47
C THR A 274 19.40 7.30 11.54
N ASP A 275 20.39 7.27 12.45
CA ASP A 275 21.85 7.02 12.21
C ASP A 275 22.51 7.85 11.12
#